data_9I6Z
#
_entry.id   9I6Z
#
_cell.length_a   82.138
_cell.length_b   112.449
_cell.length_c   62.653
_cell.angle_alpha   90.00
_cell.angle_beta   90.00
_cell.angle_gamma   90.00
#
_symmetry.space_group_name_H-M   'C 2 2 21'
#
loop_
_entity.id
_entity.type
_entity.pdbx_description
1 polymer '14-3-3 protein sigma'
2 polymer 'Estrogen receptor'
3 non-polymer 2-chloranyl-~{N}-[4-[3-[(2-fluorophenyl)methylamino]imidazo[1,2-a]pyridin-2-yl]phenyl]ethanamide
4 non-polymer 'CALCIUM ION'
5 non-polymer 'CHLORIDE ION'
6 water water
#
loop_
_entity_poly.entity_id
_entity_poly.type
_entity_poly.pdbx_seq_one_letter_code
_entity_poly.pdbx_strand_id
1 'polypeptide(L)'
;GAMGSMERASLIQKAKLAEQAERYEDMAAFMKGAVEKGEELSCEERNLLSVAYKNVVGGQRAAWRVLSSIEQKSNEEGSE
EKGPEVREYREKVETELQGVCDTVLGLLDSHLIKEAGDAESRVFYLKMKGDYYRYLAEVATGDDKKRIIDSARSAYQEAM
DISKKEMPPTNPIRLGLALNFSVFHYEIANSPEEAISLAKTTFDEAMADLHTLSEDSYKDSTLIMQLLRDNLTLWT
;
A
2 'polypeptide(L)' FPA(TPO)V B
#
# COMPACT_ATOMS: atom_id res chain seq x y z
N GLY A 1 -6.29 23.15 -8.28
CA GLY A 1 -5.95 21.87 -8.88
C GLY A 1 -6.45 21.78 -10.32
N ALA A 2 -5.69 21.08 -11.17
CA ALA A 2 -5.99 20.99 -12.59
C ALA A 2 -7.31 20.28 -12.87
N MET A 3 -7.77 19.45 -11.93
CA MET A 3 -9.02 18.74 -12.07
C MET A 3 -10.20 19.48 -11.44
N GLY A 4 -9.96 20.69 -10.93
CA GLY A 4 -10.96 21.47 -10.23
C GLY A 4 -12.21 21.80 -11.04
N SER A 5 -12.05 21.90 -12.36
CA SER A 5 -13.16 22.24 -13.24
C SER A 5 -13.93 21.04 -13.75
N MET A 6 -13.46 19.82 -13.48
CA MET A 6 -14.13 18.62 -13.99
C MET A 6 -15.09 18.04 -12.95
N GLU A 7 -16.28 17.64 -13.41
CA GLU A 7 -17.25 16.99 -12.57
C GLU A 7 -16.68 15.77 -11.86
N ARG A 8 -17.10 15.56 -10.60
CA ARG A 8 -16.72 14.37 -9.86
C ARG A 8 -17.01 13.10 -10.65
N ALA A 9 -18.22 12.99 -11.21
CA ALA A 9 -18.61 11.77 -11.91
C ALA A 9 -17.76 11.55 -13.16
N SER A 10 -17.39 12.65 -13.82
CA SER A 10 -16.53 12.56 -15.00
C SER A 10 -15.12 12.11 -14.65
N LEU A 11 -14.61 12.57 -13.50
CA LEU A 11 -13.31 12.13 -13.03
C LEU A 11 -13.30 10.62 -12.78
N ILE A 12 -14.36 10.12 -12.14
CA ILE A 12 -14.50 8.69 -11.87
CA ILE A 12 -14.45 8.69 -11.87
C ILE A 12 -14.58 7.90 -13.18
N GLN A 13 -15.41 8.41 -14.11
CA GLN A 13 -15.56 7.76 -15.40
C GLN A 13 -14.21 7.67 -16.11
N LYS A 14 -13.47 8.79 -16.11
CA LYS A 14 -12.17 8.81 -16.76
C LYS A 14 -11.11 7.98 -16.03
N ALA A 15 -11.20 7.88 -14.70
CA ALA A 15 -10.31 6.97 -13.98
C ALA A 15 -10.49 5.54 -14.48
N LYS A 16 -11.75 5.14 -14.72
CA LYS A 16 -12.02 3.79 -15.20
C LYS A 16 -11.51 3.58 -16.63
N LEU A 17 -11.64 4.60 -17.49
CA LEU A 17 -11.07 4.55 -18.82
C LEU A 17 -9.55 4.45 -18.78
N ALA A 18 -8.92 5.26 -17.92
CA ALA A 18 -7.48 5.25 -17.78
C ALA A 18 -6.99 3.87 -17.36
N GLU A 19 -7.72 3.23 -16.43
CA GLU A 19 -7.39 1.88 -16.02
C GLU A 19 -7.42 0.91 -17.20
N GLN A 20 -8.48 0.98 -18.01
CA GLN A 20 -8.60 0.12 -19.18
C GLN A 20 -7.44 0.32 -20.16
N ALA A 21 -6.96 1.56 -20.25
CA ALA A 21 -5.87 1.91 -21.15
C ALA A 21 -4.49 1.75 -20.50
N GLU A 22 -4.46 1.26 -19.25
CA GLU A 22 -3.24 1.09 -18.49
C GLU A 22 -2.45 2.40 -18.37
N ARG A 23 -3.19 3.49 -18.17
CA ARG A 23 -2.65 4.82 -17.99
C ARG A 23 -2.78 5.20 -16.52
N TYR A 24 -1.91 4.62 -15.70
CA TYR A 24 -2.09 4.69 -14.26
C TYR A 24 -1.77 6.06 -13.67
N GLU A 25 -0.83 6.80 -14.26
CA GLU A 25 -0.57 8.17 -13.83
CA GLU A 25 -0.57 8.17 -13.82
C GLU A 25 -1.82 9.02 -14.03
N ASP A 26 -2.46 8.89 -15.20
CA ASP A 26 -3.71 9.60 -15.45
C ASP A 26 -4.78 9.16 -14.47
N MET A 27 -4.89 7.85 -14.25
CA MET A 27 -5.88 7.30 -13.34
C MET A 27 -5.74 7.91 -11.95
N ALA A 28 -4.48 8.01 -11.47
CA ALA A 28 -4.22 8.57 -10.16
C ALA A 28 -4.59 10.05 -10.09
N ALA A 29 -4.24 10.80 -11.14
CA ALA A 29 -4.57 12.22 -11.20
C ALA A 29 -6.09 12.45 -11.20
N PHE A 30 -6.82 11.62 -11.93
CA PHE A 30 -8.28 11.72 -11.91
C PHE A 30 -8.83 11.42 -10.53
N MET A 31 -8.30 10.39 -9.86
CA MET A 31 -8.82 10.01 -8.56
C MET A 31 -8.42 11.02 -7.48
N LYS A 32 -7.24 11.63 -7.60
CA LYS A 32 -6.87 12.74 -6.72
C LYS A 32 -7.88 13.88 -6.87
N GLY A 33 -8.22 14.22 -8.12
CA GLY A 33 -9.24 15.22 -8.36
C GLY A 33 -10.58 14.86 -7.72
N ALA A 34 -10.97 13.59 -7.83
CA ALA A 34 -12.22 13.14 -7.24
C ALA A 34 -12.20 13.28 -5.72
N VAL A 35 -11.09 12.87 -5.08
CA VAL A 35 -10.97 13.02 -3.64
C VAL A 35 -11.10 14.49 -3.22
N GLU A 36 -10.45 15.36 -3.99
CA GLU A 36 -10.42 16.78 -3.64
C GLU A 36 -11.76 17.48 -3.81
N LYS A 37 -12.76 16.81 -4.39
CA LYS A 37 -14.12 17.32 -4.38
C LYS A 37 -14.70 17.40 -2.96
N GLY A 38 -14.15 16.63 -2.03
CA GLY A 38 -14.51 16.75 -0.63
C GLY A 38 -15.54 15.75 -0.11
N GLU A 39 -16.20 15.01 -1.01
CA GLU A 39 -17.15 13.99 -0.63
CA GLU A 39 -17.15 14.00 -0.63
C GLU A 39 -16.43 12.70 -0.29
N GLU A 40 -17.04 11.89 0.57
CA GLU A 40 -16.51 10.58 0.87
C GLU A 40 -16.52 9.72 -0.39
N LEU A 41 -15.71 8.66 -0.37
CA LEU A 41 -15.60 7.73 -1.49
C LEU A 41 -16.36 6.46 -1.16
N SER A 42 -17.04 5.92 -2.17
CA SER A 42 -17.64 4.59 -2.08
C SER A 42 -16.57 3.50 -2.10
N CYS A 43 -16.98 2.27 -1.82
CA CYS A 43 -16.08 1.12 -1.91
C CYS A 43 -15.39 1.06 -3.27
N GLU A 44 -16.16 1.14 -4.35
CA GLU A 44 -15.59 1.07 -5.68
C GLU A 44 -14.59 2.20 -5.91
N GLU A 45 -14.94 3.41 -5.46
CA GLU A 45 -14.09 4.57 -5.66
C GLU A 45 -12.79 4.47 -4.87
N ARG A 46 -12.87 3.96 -3.62
CA ARG A 46 -11.69 3.75 -2.80
C ARG A 46 -10.72 2.81 -3.51
N ASN A 47 -11.24 1.77 -4.15
CA ASN A 47 -10.42 0.80 -4.84
C ASN A 47 -9.85 1.34 -6.15
N LEU A 48 -10.54 2.28 -6.80
CA LEU A 48 -9.95 2.97 -7.93
C LEU A 48 -8.74 3.80 -7.49
N LEU A 49 -8.90 4.51 -6.37
CA LEU A 49 -7.81 5.30 -5.81
C LEU A 49 -6.59 4.43 -5.49
N SER A 50 -6.83 3.31 -4.79
CA SER A 50 -5.74 2.43 -4.38
CA SER A 50 -5.72 2.46 -4.38
C SER A 50 -5.05 1.80 -5.59
N VAL A 51 -5.84 1.30 -6.56
CA VAL A 51 -5.24 0.68 -7.72
C VAL A 51 -4.34 1.65 -8.47
N ALA A 52 -4.82 2.88 -8.65
CA ALA A 52 -4.09 3.88 -9.42
C ALA A 52 -2.72 4.14 -8.81
N TYR A 53 -2.70 4.50 -7.52
CA TYR A 53 -1.45 4.87 -6.88
C TYR A 53 -0.56 3.65 -6.65
N LYS A 54 -1.15 2.47 -6.42
CA LYS A 54 -0.35 1.25 -6.28
C LYS A 54 0.49 0.99 -7.52
N ASN A 55 -0.12 1.18 -8.69
CA ASN A 55 0.57 0.96 -9.95
C ASN A 55 1.65 2.01 -10.18
N VAL A 56 1.35 3.28 -9.89
CA VAL A 56 2.33 4.33 -10.08
C VAL A 56 3.53 4.09 -9.17
N VAL A 57 3.30 3.92 -7.86
CA VAL A 57 4.40 3.78 -6.93
CA VAL A 57 4.40 3.78 -6.93
C VAL A 57 5.10 2.44 -7.13
N GLY A 58 4.36 1.42 -7.58
CA GLY A 58 4.96 0.13 -7.87
C GLY A 58 6.03 0.21 -8.93
N GLY A 59 5.75 0.99 -10.00
CA GLY A 59 6.73 1.23 -11.05
C GLY A 59 7.94 1.99 -10.54
N GLN A 60 7.69 2.99 -9.69
CA GLN A 60 8.78 3.78 -9.11
C GLN A 60 9.67 2.92 -8.22
N ARG A 61 9.06 2.05 -7.41
CA ARG A 61 9.80 1.18 -6.51
C ARG A 61 10.68 0.22 -7.31
N ALA A 62 10.12 -0.35 -8.39
CA ALA A 62 10.88 -1.28 -9.22
C ALA A 62 12.09 -0.57 -9.82
N ALA A 63 11.89 0.66 -10.32
CA ALA A 63 12.98 1.43 -10.89
C ALA A 63 14.03 1.79 -9.83
N TRP A 64 13.56 2.21 -8.65
CA TRP A 64 14.45 2.56 -7.57
C TRP A 64 15.33 1.36 -7.19
N ARG A 65 14.75 0.16 -7.17
CA ARG A 65 15.52 -1.02 -6.81
C ARG A 65 16.60 -1.33 -7.84
N VAL A 66 16.27 -1.17 -9.12
CA VAL A 66 17.26 -1.38 -10.18
C VAL A 66 18.44 -0.42 -9.98
N LEU A 67 18.13 0.86 -9.76
CA LEU A 67 19.16 1.88 -9.67
C LEU A 67 19.98 1.73 -8.39
N SER A 68 19.31 1.40 -7.27
CA SER A 68 20.00 1.14 -6.01
CA SER A 68 20.01 1.15 -6.02
C SER A 68 21.00 -0.01 -6.13
N SER A 69 20.60 -1.07 -6.85
CA SER A 69 21.47 -2.21 -7.06
C SER A 69 22.71 -1.81 -7.86
N ILE A 70 22.52 -1.00 -8.91
CA ILE A 70 23.65 -0.52 -9.69
C ILE A 70 24.58 0.33 -8.82
N GLU A 71 23.98 1.20 -8.00
CA GLU A 71 24.72 2.07 -7.11
C GLU A 71 25.54 1.26 -6.10
N GLN A 72 24.91 0.25 -5.50
CA GLN A 72 25.60 -0.62 -4.55
C GLN A 72 26.81 -1.30 -5.20
N LYS A 73 26.63 -1.80 -6.43
CA LYS A 73 27.72 -2.45 -7.15
C LYS A 73 28.86 -1.48 -7.43
N SER A 74 28.53 -0.21 -7.71
CA SER A 74 29.54 0.81 -7.98
C SER A 74 30.43 1.10 -6.78
N ASN A 75 29.92 0.84 -5.57
CA ASN A 75 30.67 1.08 -4.35
C ASN A 75 31.38 -0.15 -3.79
N GLU A 76 31.42 -1.23 -4.59
CA GLU A 76 32.21 -2.42 -4.25
C GLU A 76 33.69 -2.22 -4.62
N GLU A 77 34.56 -2.97 -3.94
CA GLU A 77 35.98 -2.95 -4.21
C GLU A 77 36.24 -3.43 -5.64
N GLY A 78 37.08 -2.68 -6.37
CA GLY A 78 37.43 -3.01 -7.74
C GLY A 78 36.54 -2.39 -8.80
N SER A 79 35.44 -1.75 -8.39
CA SER A 79 34.54 -1.08 -9.31
C SER A 79 35.14 0.26 -9.76
N GLU A 80 35.10 0.51 -11.07
CA GLU A 80 35.66 1.73 -11.64
C GLU A 80 34.77 2.91 -11.30
N GLU A 81 35.38 4.07 -11.02
CA GLU A 81 34.66 5.29 -10.70
C GLU A 81 33.98 5.82 -11.97
N LYS A 82 32.66 5.99 -11.92
CA LYS A 82 31.91 6.46 -13.07
C LYS A 82 31.25 7.81 -12.84
N GLY A 83 31.59 8.47 -11.72
CA GLY A 83 31.08 9.80 -11.43
C GLY A 83 29.74 9.79 -10.70
N PRO A 84 29.10 10.97 -10.56
CA PRO A 84 27.93 11.11 -9.70
C PRO A 84 26.60 10.68 -10.33
N GLU A 85 26.63 10.23 -11.59
CA GLU A 85 25.39 10.07 -12.34
C GLU A 85 24.44 9.01 -11.78
N VAL A 86 24.98 7.86 -11.34
CA VAL A 86 24.12 6.82 -10.79
C VAL A 86 23.41 7.32 -9.54
N ARG A 87 24.15 7.91 -8.61
CA ARG A 87 23.56 8.49 -7.42
C ARG A 87 22.52 9.54 -7.77
N GLU A 88 22.87 10.46 -8.68
CA GLU A 88 21.96 11.52 -9.07
C GLU A 88 20.64 10.96 -9.58
N TYR A 89 20.71 9.96 -10.47
CA TYR A 89 19.50 9.47 -11.09
C TYR A 89 18.68 8.64 -10.10
N ARG A 90 19.35 7.88 -9.24
CA ARG A 90 18.64 7.18 -8.17
C ARG A 90 17.93 8.18 -7.26
N GLU A 91 18.60 9.29 -6.93
CA GLU A 91 18.00 10.35 -6.14
C GLU A 91 16.80 10.98 -6.82
N LYS A 92 16.88 11.15 -8.15
CA LYS A 92 15.77 11.70 -8.92
C LYS A 92 14.55 10.81 -8.79
N VAL A 93 14.72 9.52 -9.02
CA VAL A 93 13.62 8.57 -8.95
C VAL A 93 13.10 8.52 -7.51
N GLU A 94 14.02 8.50 -6.54
CA GLU A 94 13.64 8.49 -5.14
C GLU A 94 12.77 9.69 -4.76
N THR A 95 13.16 10.88 -5.22
CA THR A 95 12.43 12.09 -4.89
C THR A 95 11.03 12.06 -5.49
N GLU A 96 10.92 11.52 -6.71
N GLU A 96 10.90 11.53 -6.72
CA GLU A 96 9.64 11.38 -7.39
CA GLU A 96 9.58 11.42 -7.33
C GLU A 96 8.73 10.43 -6.61
C GLU A 96 8.71 10.42 -6.57
N LEU A 97 9.31 9.31 -6.16
CA LEU A 97 8.61 8.30 -5.37
C LEU A 97 8.11 8.88 -4.05
N GLN A 98 8.98 9.61 -3.34
CA GLN A 98 8.60 10.26 -2.10
C GLN A 98 7.47 11.26 -2.34
N GLY A 99 7.52 11.95 -3.48
CA GLY A 99 6.49 12.89 -3.83
C GLY A 99 5.11 12.24 -3.97
N VAL A 100 5.07 11.08 -4.63
CA VAL A 100 3.83 10.34 -4.77
C VAL A 100 3.33 9.86 -3.41
N CYS A 101 4.23 9.31 -2.57
CA CYS A 101 3.82 8.88 -1.25
C CYS A 101 3.25 10.04 -0.44
N ASP A 102 3.91 11.20 -0.51
CA ASP A 102 3.46 12.37 0.22
C ASP A 102 2.09 12.83 -0.29
N THR A 103 1.86 12.70 -1.61
CA THR A 103 0.57 13.06 -2.18
C THR A 103 -0.52 12.15 -1.61
N VAL A 104 -0.27 10.84 -1.61
CA VAL A 104 -1.26 9.90 -1.10
C VAL A 104 -1.52 10.16 0.39
N LEU A 105 -0.45 10.28 1.17
CA LEU A 105 -0.61 10.54 2.60
C LEU A 105 -1.36 11.85 2.84
N GLY A 106 -1.12 12.84 1.98
CA GLY A 106 -1.83 14.10 2.06
C GLY A 106 -3.34 13.97 1.85
N LEU A 107 -3.74 13.14 0.88
CA LEU A 107 -5.15 12.89 0.63
C LEU A 107 -5.79 12.19 1.82
N LEU A 108 -5.07 11.22 2.40
CA LEU A 108 -5.58 10.50 3.55
C LEU A 108 -5.76 11.43 4.75
N ASP A 109 -4.82 12.37 4.95
CA ASP A 109 -4.88 13.29 6.07
CA ASP A 109 -4.91 13.27 6.09
C ASP A 109 -5.83 14.46 5.84
N SER A 110 -6.14 14.74 4.56
CA SER A 110 -6.98 15.88 4.20
C SER A 110 -8.00 15.51 3.12
N HIS A 111 -9.10 14.82 3.48
CA HIS A 111 -9.53 14.54 4.84
C HIS A 111 -10.19 13.16 4.90
N LEU A 112 -9.65 12.20 4.14
CA LEU A 112 -10.31 10.92 4.00
C LEU A 112 -10.44 10.15 5.31
N ILE A 113 -9.35 10.06 6.08
CA ILE A 113 -9.38 9.27 7.30
C ILE A 113 -10.34 9.86 8.33
N LYS A 114 -10.30 11.19 8.54
CA LYS A 114 -11.12 11.78 9.59
C LYS A 114 -12.62 11.66 9.34
N GLU A 115 -13.05 11.52 8.08
CA GLU A 115 -14.47 11.38 7.78
CA GLU A 115 -14.45 11.37 7.73
C GLU A 115 -14.88 9.91 7.64
N ALA A 116 -13.90 8.98 7.72
CA ALA A 116 -14.17 7.56 7.59
C ALA A 116 -14.57 6.93 8.91
N GLY A 117 -15.85 6.60 9.06
CA GLY A 117 -16.40 6.06 10.29
C GLY A 117 -16.73 4.57 10.25
N ASP A 118 -17.06 4.05 9.07
CA ASP A 118 -17.35 2.63 8.93
C ASP A 118 -16.05 1.85 8.91
N ALA A 119 -16.07 0.63 9.45
CA ALA A 119 -14.86 -0.16 9.52
C ALA A 119 -14.24 -0.37 8.13
N GLU A 120 -15.07 -0.61 7.12
CA GLU A 120 -14.55 -0.95 5.80
C GLU A 120 -13.79 0.22 5.18
N SER A 121 -14.27 1.45 5.41
CA SER A 121 -13.55 2.60 4.88
C SER A 121 -12.34 2.94 5.74
N ARG A 122 -12.54 2.97 7.07
CA ARG A 122 -11.47 3.42 7.96
C ARG A 122 -10.27 2.48 7.90
N VAL A 123 -10.52 1.16 7.95
CA VAL A 123 -9.44 0.18 7.85
C VAL A 123 -8.74 0.30 6.50
N PHE A 124 -9.51 0.46 5.42
CA PHE A 124 -8.94 0.62 4.09
C PHE A 124 -7.94 1.77 4.03
N TYR A 125 -8.35 2.93 4.54
CA TYR A 125 -7.51 4.11 4.50
C TYR A 125 -6.29 3.99 5.41
N LEU A 126 -6.47 3.39 6.60
CA LEU A 126 -5.35 3.21 7.50
C LEU A 126 -4.34 2.21 6.95
N LYS A 127 -4.81 1.17 6.26
CA LYS A 127 -3.93 0.27 5.55
C LYS A 127 -3.10 1.04 4.51
N MET A 128 -3.75 1.92 3.75
CA MET A 128 -3.05 2.73 2.77
CA MET A 128 -3.05 2.73 2.77
C MET A 128 -1.99 3.59 3.46
N LYS A 129 -2.35 4.20 4.58
CA LYS A 129 -1.40 5.03 5.32
C LYS A 129 -0.17 4.21 5.72
N GLY A 130 -0.40 3.01 6.26
CA GLY A 130 0.70 2.11 6.59
C GLY A 130 1.56 1.77 5.37
N ASP A 131 0.91 1.44 4.25
CA ASP A 131 1.61 1.08 3.04
C ASP A 131 2.51 2.19 2.52
N TYR A 132 2.00 3.43 2.49
CA TYR A 132 2.76 4.52 1.89
C TYR A 132 3.87 5.01 2.83
N TYR A 133 3.68 4.90 4.14
CA TYR A 133 4.81 5.09 5.04
C TYR A 133 5.83 3.97 4.88
N ARG A 134 5.38 2.73 4.64
CA ARG A 134 6.29 1.64 4.37
C ARG A 134 7.14 1.91 3.12
N TYR A 135 6.53 2.46 2.06
CA TYR A 135 7.29 2.77 0.86
C TYR A 135 8.31 3.88 1.12
N LEU A 136 7.93 4.88 1.93
CA LEU A 136 8.89 5.87 2.37
C LEU A 136 10.03 5.25 3.18
N ALA A 137 9.69 4.26 4.02
CA ALA A 137 10.71 3.60 4.84
C ALA A 137 11.69 2.82 3.99
N GLU A 138 11.24 2.24 2.88
CA GLU A 138 12.11 1.46 2.02
C GLU A 138 13.30 2.27 1.49
N VAL A 139 13.10 3.58 1.31
CA VAL A 139 14.15 4.43 0.74
C VAL A 139 14.79 5.37 1.76
N ALA A 140 14.31 5.33 3.01
CA ALA A 140 14.81 6.21 4.06
C ALA A 140 16.17 5.75 4.57
N THR A 141 17.07 6.72 4.79
CA THR A 141 18.39 6.46 5.36
C THR A 141 18.83 7.47 6.42
N GLY A 142 17.96 8.43 6.75
CA GLY A 142 18.36 9.58 7.54
C GLY A 142 17.84 9.59 8.98
N ASP A 143 17.86 10.78 9.59
CA ASP A 143 17.49 10.96 10.99
C ASP A 143 16.05 10.59 11.33
N ASP A 144 15.15 10.69 10.33
CA ASP A 144 13.74 10.42 10.56
C ASP A 144 13.31 9.01 10.16
N LYS A 145 14.27 8.14 9.82
CA LYS A 145 13.95 6.79 9.39
C LYS A 145 13.15 6.02 10.44
N LYS A 146 13.59 6.10 11.70
CA LYS A 146 12.86 5.44 12.77
C LYS A 146 11.44 5.98 12.91
N ARG A 147 11.26 7.30 12.73
CA ARG A 147 9.95 7.90 12.87
C ARG A 147 9.05 7.50 11.70
N ILE A 148 9.63 7.37 10.49
CA ILE A 148 8.86 6.90 9.35
C ILE A 148 8.37 5.47 9.57
N ILE A 149 9.29 4.61 10.04
CA ILE A 149 8.93 3.23 10.36
C ILE A 149 7.82 3.21 11.41
N ASP A 150 7.93 4.05 12.44
CA ASP A 150 6.93 4.03 13.50
C ASP A 150 5.59 4.56 13.00
N SER A 151 5.61 5.51 12.06
CA SER A 151 4.38 5.99 11.44
C SER A 151 3.65 4.88 10.69
N ALA A 152 4.42 4.06 9.94
CA ALA A 152 3.83 2.92 9.27
C ALA A 152 3.24 1.94 10.28
N ARG A 153 4.03 1.58 11.29
CA ARG A 153 3.58 0.66 12.32
C ARG A 153 2.29 1.13 12.98
N SER A 154 2.26 2.41 13.36
CA SER A 154 1.13 2.98 14.06
C SER A 154 -0.16 2.91 13.25
N ALA A 155 -0.07 3.23 11.95
CA ALA A 155 -1.23 3.18 11.07
C ALA A 155 -1.72 1.75 10.90
N TYR A 156 -0.79 0.83 10.63
CA TYR A 156 -1.14 -0.59 10.53
C TYR A 156 -1.79 -1.10 11.82
N GLN A 157 -1.24 -0.70 12.97
CA GLN A 157 -1.74 -1.21 14.24
C GLN A 157 -3.17 -0.73 14.51
N GLU A 158 -3.45 0.55 14.22
CA GLU A 158 -4.80 1.05 14.38
C GLU A 158 -5.76 0.30 13.46
N ALA A 159 -5.34 0.07 12.22
CA ALA A 159 -6.14 -0.69 11.27
C ALA A 159 -6.41 -2.11 11.76
N MET A 160 -5.37 -2.76 12.32
CA MET A 160 -5.48 -4.11 12.83
CA MET A 160 -5.48 -4.10 12.83
C MET A 160 -6.50 -4.16 13.98
N ASP A 161 -6.40 -3.19 14.89
CA ASP A 161 -7.26 -3.17 16.06
C ASP A 161 -8.74 -3.06 15.65
N ILE A 162 -9.02 -2.15 14.71
CA ILE A 162 -10.38 -1.97 14.22
C ILE A 162 -10.85 -3.23 13.49
N SER A 163 -9.99 -3.79 12.63
CA SER A 163 -10.37 -4.94 11.82
C SER A 163 -10.70 -6.15 12.67
N LYS A 164 -9.94 -6.36 13.75
CA LYS A 164 -10.19 -7.50 14.62
C LYS A 164 -11.52 -7.35 15.36
N LYS A 165 -11.86 -6.11 15.73
CA LYS A 165 -13.09 -5.84 16.46
C LYS A 165 -14.34 -5.89 15.58
N GLU A 166 -14.21 -5.39 14.34
CA GLU A 166 -15.36 -5.04 13.53
C GLU A 166 -15.61 -5.86 12.27
N MET A 167 -14.62 -6.69 11.88
N MET A 167 -14.65 -6.72 11.89
CA MET A 167 -14.67 -7.43 10.64
CA MET A 167 -14.74 -7.42 10.62
C MET A 167 -14.54 -8.92 10.91
C MET A 167 -14.46 -8.90 10.83
N PRO A 168 -15.11 -9.80 10.06
CA PRO A 168 -14.84 -11.23 10.16
C PRO A 168 -13.42 -11.56 9.69
N PRO A 169 -12.83 -12.69 10.15
CA PRO A 169 -11.45 -13.01 9.80
C PRO A 169 -11.21 -13.26 8.31
N THR A 170 -12.28 -13.47 7.54
CA THR A 170 -12.18 -13.65 6.10
C THR A 170 -12.35 -12.38 5.28
N ASN A 171 -12.66 -11.26 5.94
CA ASN A 171 -12.88 -10.01 5.21
C ASN A 171 -11.63 -9.70 4.38
N PRO A 172 -11.73 -9.44 3.07
CA PRO A 172 -10.55 -9.22 2.23
C PRO A 172 -9.69 -8.04 2.66
N ILE A 173 -10.32 -6.99 3.21
CA ILE A 173 -9.56 -5.84 3.68
C ILE A 173 -8.72 -6.25 4.89
N ARG A 174 -9.36 -6.96 5.83
CA ARG A 174 -8.66 -7.50 6.99
C ARG A 174 -7.49 -8.40 6.56
N LEU A 175 -7.74 -9.29 5.60
CA LEU A 175 -6.72 -10.22 5.15
C LEU A 175 -5.55 -9.50 4.48
N GLY A 176 -5.86 -8.55 3.58
CA GLY A 176 -4.83 -7.81 2.88
C GLY A 176 -3.99 -6.93 3.82
N LEU A 177 -4.66 -6.31 4.79
CA LEU A 177 -3.99 -5.55 5.83
C LEU A 177 -2.99 -6.43 6.56
N ALA A 178 -3.42 -7.63 6.98
CA ALA A 178 -2.55 -8.52 7.73
C ALA A 178 -1.38 -8.99 6.87
N LEU A 179 -1.65 -9.33 5.60
CA LEU A 179 -0.59 -9.69 4.66
C LEU A 179 0.49 -8.61 4.62
N ASN A 180 0.07 -7.37 4.45
CA ASN A 180 0.99 -6.26 4.28
C ASN A 180 1.71 -5.90 5.58
N PHE A 181 1.00 -5.94 6.71
CA PHE A 181 1.63 -5.68 8.00
C PHE A 181 2.67 -6.75 8.29
N SER A 182 2.37 -8.00 7.94
CA SER A 182 3.33 -9.08 8.07
C SER A 182 4.59 -8.81 7.26
N VAL A 183 4.43 -8.34 6.02
CA VAL A 183 5.58 -7.95 5.20
C VAL A 183 6.35 -6.78 5.83
N PHE A 184 5.63 -5.79 6.35
CA PHE A 184 6.25 -4.72 7.13
C PHE A 184 7.17 -5.28 8.21
N HIS A 185 6.65 -6.24 8.99
CA HIS A 185 7.45 -6.84 10.05
C HIS A 185 8.72 -7.49 9.50
N TYR A 186 8.59 -8.23 8.39
CA TYR A 186 9.70 -9.00 7.84
C TYR A 186 10.75 -8.12 7.17
N GLU A 187 10.29 -7.18 6.34
CA GLU A 187 11.15 -6.41 5.45
C GLU A 187 11.61 -5.07 6.00
N ILE A 188 10.81 -4.47 6.89
CA ILE A 188 11.08 -3.13 7.41
C ILE A 188 11.52 -3.13 8.87
N ALA A 189 10.81 -3.89 9.73
CA ALA A 189 11.01 -3.83 11.16
C ALA A 189 11.99 -4.86 11.70
N ASN A 190 12.61 -5.64 10.80
CA ASN A 190 13.59 -6.63 11.20
C ASN A 190 13.00 -7.60 12.23
N SER A 191 11.75 -8.02 11.97
CA SER A 191 10.99 -8.84 12.90
C SER A 191 10.40 -10.04 12.17
N PRO A 192 11.23 -10.96 11.65
CA PRO A 192 10.72 -12.07 10.85
C PRO A 192 9.80 -13.00 11.64
N GLU A 193 10.08 -13.20 12.94
CA GLU A 193 9.21 -14.06 13.73
C GLU A 193 7.80 -13.46 13.87
N GLU A 194 7.71 -12.15 14.07
CA GLU A 194 6.41 -11.48 14.14
C GLU A 194 5.69 -11.61 12.80
N ALA A 195 6.43 -11.43 11.71
CA ALA A 195 5.86 -11.56 10.37
C ALA A 195 5.25 -12.95 10.15
N ILE A 196 6.00 -13.99 10.51
CA ILE A 196 5.55 -15.37 10.35
C ILE A 196 4.33 -15.67 11.23
N SER A 197 4.40 -15.26 12.51
N SER A 197 4.40 -15.26 12.50
CA SER A 197 3.30 -15.50 13.44
CA SER A 197 3.31 -15.50 13.43
C SER A 197 2.02 -14.85 12.94
C SER A 197 2.02 -14.84 12.95
N LEU A 198 2.12 -13.59 12.49
CA LEU A 198 0.96 -12.87 12.00
C LEU A 198 0.36 -13.55 10.76
N ALA A 199 1.20 -13.95 9.81
CA ALA A 199 0.70 -14.61 8.62
C ALA A 199 0.02 -15.93 8.95
N LYS A 200 0.62 -16.73 9.85
CA LYS A 200 0.05 -18.02 10.21
CA LYS A 200 0.06 -18.01 10.24
C LYS A 200 -1.29 -17.87 10.93
N THR A 201 -1.33 -17.02 11.97
CA THR A 201 -2.55 -16.79 12.73
CA THR A 201 -2.56 -16.84 12.72
C THR A 201 -3.66 -16.27 11.81
N THR A 202 -3.31 -15.32 10.94
CA THR A 202 -4.30 -14.76 10.02
C THR A 202 -4.86 -15.86 9.12
N PHE A 203 -3.98 -16.68 8.55
CA PHE A 203 -4.39 -17.76 7.67
C PHE A 203 -5.32 -18.72 8.39
N ASP A 204 -4.93 -19.15 9.59
CA ASP A 204 -5.66 -20.17 10.32
C ASP A 204 -7.05 -19.68 10.75
N GLU A 205 -7.13 -18.42 11.18
CA GLU A 205 -8.40 -17.86 11.61
C GLU A 205 -9.34 -17.64 10.42
N ALA A 206 -8.79 -17.31 9.26
CA ALA A 206 -9.58 -17.23 8.04
C ALA A 206 -10.11 -18.60 7.62
N MET A 207 -9.23 -19.62 7.66
CA MET A 207 -9.63 -20.97 7.27
CA MET A 207 -9.60 -20.99 7.30
C MET A 207 -10.87 -21.41 8.05
N ALA A 208 -10.88 -21.14 9.36
CA ALA A 208 -11.97 -21.53 10.24
C ALA A 208 -13.30 -20.82 9.97
N ASP A 209 -13.25 -19.69 9.25
CA ASP A 209 -14.44 -18.92 8.94
C ASP A 209 -14.94 -19.08 7.52
N LEU A 210 -14.21 -19.82 6.67
CA LEU A 210 -14.60 -19.99 5.28
C LEU A 210 -15.98 -20.61 5.12
N HIS A 211 -16.39 -21.46 6.08
CA HIS A 211 -17.65 -22.19 5.99
C HIS A 211 -18.88 -21.27 5.97
N THR A 212 -18.69 -20.02 6.42
CA THR A 212 -19.78 -19.05 6.50
C THR A 212 -20.06 -18.32 5.19
N LEU A 213 -19.18 -18.50 4.20
CA LEU A 213 -19.15 -17.67 3.02
C LEU A 213 -19.88 -18.26 1.83
N SER A 214 -20.40 -17.37 0.97
CA SER A 214 -20.85 -17.74 -0.36
C SER A 214 -19.67 -18.14 -1.24
N GLU A 215 -19.97 -18.72 -2.41
CA GLU A 215 -18.95 -19.11 -3.36
C GLU A 215 -18.06 -17.94 -3.76
N ASP A 216 -18.68 -16.79 -4.08
CA ASP A 216 -17.93 -15.63 -4.54
C ASP A 216 -17.04 -15.05 -3.44
N SER A 217 -17.56 -14.97 -2.21
CA SER A 217 -16.77 -14.49 -1.08
C SER A 217 -15.62 -15.43 -0.77
N TYR A 218 -15.90 -16.73 -0.81
CA TYR A 218 -14.90 -17.77 -0.65
C TYR A 218 -13.74 -17.60 -1.65
N LYS A 219 -14.08 -17.39 -2.92
CA LYS A 219 -13.07 -17.19 -3.94
C LYS A 219 -12.14 -16.03 -3.59
N ASP A 220 -12.72 -14.89 -3.19
CA ASP A 220 -11.91 -13.70 -2.99
C ASP A 220 -11.04 -13.85 -1.74
N SER A 221 -11.61 -14.39 -0.66
CA SER A 221 -10.84 -14.61 0.56
C SER A 221 -9.70 -15.60 0.35
N THR A 222 -9.96 -16.70 -0.34
CA THR A 222 -8.94 -17.72 -0.54
C THR A 222 -7.79 -17.22 -1.41
N LEU A 223 -8.06 -16.28 -2.33
CA LEU A 223 -6.99 -15.69 -3.11
C LEU A 223 -5.94 -15.05 -2.21
N ILE A 224 -6.40 -14.26 -1.23
CA ILE A 224 -5.48 -13.56 -0.34
C ILE A 224 -4.84 -14.54 0.63
N MET A 225 -5.61 -15.55 1.07
CA MET A 225 -5.06 -16.58 1.93
C MET A 225 -3.88 -17.27 1.24
N GLN A 226 -3.97 -17.49 -0.07
CA GLN A 226 -2.89 -18.11 -0.81
C GLN A 226 -1.62 -17.25 -0.78
N LEU A 227 -1.80 -15.92 -0.80
CA LEU A 227 -0.66 -15.01 -0.71
C LEU A 227 0.02 -15.11 0.66
N LEU A 228 -0.78 -15.24 1.73
CA LEU A 228 -0.22 -15.48 3.05
C LEU A 228 0.60 -16.76 3.06
N ARG A 229 0.04 -17.83 2.47
CA ARG A 229 0.74 -19.10 2.36
C ARG A 229 2.04 -18.97 1.56
N ASP A 230 1.98 -18.21 0.46
CA ASP A 230 3.15 -18.01 -0.38
C ASP A 230 4.28 -17.36 0.39
N ASN A 231 3.94 -16.31 1.17
CA ASN A 231 4.94 -15.65 1.99
C ASN A 231 5.49 -16.59 3.06
N LEU A 232 4.61 -17.37 3.70
CA LEU A 232 5.06 -18.31 4.70
C LEU A 232 6.04 -19.32 4.09
N THR A 233 5.75 -19.78 2.87
CA THR A 233 6.63 -20.70 2.17
C THR A 233 7.99 -20.06 1.87
N LEU A 234 7.97 -18.79 1.48
CA LEU A 234 9.19 -18.03 1.22
C LEU A 234 10.06 -17.91 2.48
N TRP A 235 9.40 -17.77 3.63
CA TRP A 235 10.06 -17.41 4.88
C TRP A 235 10.44 -18.57 5.78
N THR A 236 9.95 -19.78 5.45
CA THR A 236 10.20 -20.95 6.28
C THR A 236 10.81 -22.09 5.46
N PHE B 1 10.84 -10.85 -3.82
CA PHE B 1 10.09 -9.98 -2.92
C PHE B 1 8.79 -10.65 -2.48
N PRO B 2 8.33 -10.42 -1.24
CA PRO B 2 7.10 -11.04 -0.77
C PRO B 2 5.84 -10.37 -1.32
N ALA B 3 4.73 -11.10 -1.24
CA ALA B 3 3.46 -10.62 -1.77
C ALA B 3 2.80 -9.59 -0.86
N VAL B 5 -0.75 -6.61 -1.22
CA VAL B 5 -1.92 -6.27 -2.02
C VAL B 5 -2.33 -4.84 -1.79
#